data_8PU4
#
_entry.id   8PU4
#
_cell.length_a   31.498
_cell.length_b   60.581
_cell.length_c   177.157
_cell.angle_alpha   90.000
_cell.angle_beta   90.589
_cell.angle_gamma   90.000
#
_symmetry.space_group_name_H-M   'P 1 21 1'
#
loop_
_entity.id
_entity.type
_entity.pdbx_description
1 polymer 'RelA/SpoT domain-containing protein'
2 non-polymer '[(2~{R},3~{S},4~{R},5~{R})-5-(6-aminopurin-9-yl)-3,4-bis(oxidanyl)oxolan-2-yl]methoxy-[[oxidanyl(phosphonooxy)phosphoryl]methyl]phosphinic acid'
3 non-polymer 'MAGNESIUM ION'
4 water water
#
_entity_poly.entity_id   1
_entity_poly.type   'polypeptide(L)'
_entity_poly.pdbx_seq_one_letter_code
;MYILDKIGLNIEILESLSYESKLGMSFKRTLSHFNKEEVLKEIELINNWYFSLEIIDDLPLDSRIKSVSSAKMKFERYYP
NATYNRVFNDILGFRVICKSYDEVLELEKEDKIRVVDMSRGKSNDDGFRGIHVYYQRDNHHYPIEIQFNTYYDRQLNDWL
HDKFYKRGYDSSCGQLLRKYYENGKIKSAEELEEVLEDVL(UNK)HCKKI
;
_entity_poly.pdbx_strand_id   A,B,C
#
loop_
_chem_comp.id
_chem_comp.type
_chem_comp.name
_chem_comp.formula
DOU non-polymer '[(2~{R},3~{S},4~{R},5~{R})-5-(6-aminopurin-9-yl)-3,4-bis(oxidanyl)oxolan-2-yl]methoxy-[[oxidanyl(phosphonooxy)phosphoryl]methyl]phosphinic acid' 'C11 H18 N5 O12 P3'
MG non-polymer 'MAGNESIUM ION' 'Mg 2'
#
# COMPACT_ATOMS: atom_id res chain seq x y z
N TYR A 2 6.43 9.08 -1.87
CA TYR A 2 5.63 8.17 -1.03
C TYR A 2 4.35 7.78 -1.76
N ILE A 3 4.25 6.52 -2.17
CA ILE A 3 3.08 6.05 -2.97
C ILE A 3 1.80 6.21 -2.13
N LEU A 4 1.89 6.01 -0.83
CA LEU A 4 0.72 6.14 0.08
C LEU A 4 0.31 7.61 0.22
N ASP A 5 1.25 8.49 0.50
CA ASP A 5 0.96 9.94 0.63
C ASP A 5 0.38 10.49 -0.67
N LYS A 6 0.89 10.06 -1.83
CA LYS A 6 0.35 10.50 -3.14
C LYS A 6 -1.10 10.04 -3.30
N ILE A 7 -1.44 8.88 -2.75
CA ILE A 7 -2.81 8.32 -2.93
C ILE A 7 -3.78 8.93 -1.91
N GLY A 8 -3.30 9.51 -0.81
CA GLY A 8 -4.23 10.06 0.15
C GLY A 8 -3.96 9.47 1.51
N LEU A 9 -3.21 8.38 1.56
CA LEU A 9 -3.08 7.56 2.76
C LEU A 9 -1.78 7.82 3.49
N ASN A 10 -1.58 9.08 3.88
CA ASN A 10 -0.48 9.42 4.79
C ASN A 10 -0.79 8.89 6.20
N ILE A 11 0.20 9.03 7.09
CA ILE A 11 0.08 8.40 8.40
C ILE A 11 -1.06 9.01 9.22
N GLU A 12 -1.34 10.30 9.08
CA GLU A 12 -2.43 10.83 9.89
C GLU A 12 -3.76 10.18 9.51
N ILE A 13 -3.97 10.00 8.21
CA ILE A 13 -5.20 9.36 7.73
C ILE A 13 -5.22 7.89 8.12
N LEU A 14 -4.11 7.19 7.86
CA LEU A 14 -4.01 5.79 8.27
C LEU A 14 -4.29 5.62 9.75
N GLU A 15 -3.79 6.55 10.57
CA GLU A 15 -4.06 6.50 12.01
C GLU A 15 -5.52 6.78 12.32
N SER A 16 -6.09 7.85 11.78
CA SER A 16 -7.50 8.10 12.05
C SER A 16 -8.42 7.06 11.43
N LEU A 17 -7.90 6.12 10.64
CA LEU A 17 -8.70 5.03 10.07
C LEU A 17 -8.56 3.74 10.87
N SER A 18 -7.73 3.73 11.91
CA SER A 18 -7.49 2.54 12.71
C SER A 18 -8.58 2.43 13.78
N TYR A 19 -9.37 1.37 13.69
CA TYR A 19 -10.46 1.12 14.61
C TYR A 19 -9.93 0.39 15.85
N GLU A 20 -10.18 0.97 17.03
CA GLU A 20 -9.62 0.44 18.27
C GLU A 20 -10.58 -0.61 18.86
N SER A 21 -10.12 -1.85 18.92
CA SER A 21 -10.95 -2.95 19.42
C SER A 21 -11.40 -2.72 20.85
N LYS A 22 -12.59 -3.23 21.17
CA LYS A 22 -13.11 -3.22 22.55
C LYS A 22 -13.08 -4.60 23.21
N LEU A 23 -12.42 -5.58 22.61
CA LEU A 23 -12.49 -6.96 23.08
C LEU A 23 -11.52 -7.25 24.21
N GLY A 24 -10.68 -6.31 24.61
CA GLY A 24 -9.72 -6.57 25.67
C GLY A 24 -8.59 -7.54 25.34
N MET A 25 -8.48 -8.03 24.10
CA MET A 25 -7.56 -9.09 23.70
C MET A 25 -6.48 -8.58 22.77
N SER A 26 -5.22 -8.94 23.03
CA SER A 26 -4.19 -8.64 22.04
C SER A 26 -4.49 -9.40 20.76
N PHE A 27 -4.23 -8.76 19.64
CA PHE A 27 -4.43 -9.42 18.35
C PHE A 27 -3.32 -10.39 17.99
N LYS A 28 -2.27 -10.49 18.83
CA LYS A 28 -1.27 -11.54 18.65
C LYS A 28 -1.75 -12.89 19.17
N ARG A 29 -2.84 -12.92 19.92
CA ARG A 29 -3.39 -14.21 20.35
C ARG A 29 -4.02 -14.92 19.16
N THR A 30 -4.12 -16.24 19.28
CA THR A 30 -4.75 -17.02 18.22
C THR A 30 -6.25 -17.04 18.41
N LEU A 31 -6.98 -17.41 17.33
CA LEU A 31 -8.44 -17.28 17.32
C LEU A 31 -9.09 -18.03 18.46
N SER A 32 -8.43 -19.09 18.95
CA SER A 32 -9.00 -19.91 20.02
C SER A 32 -9.35 -19.09 21.25
N HIS A 33 -8.67 -17.96 21.45
CA HIS A 33 -8.81 -17.11 22.63
C HIS A 33 -9.93 -16.09 22.53
N PHE A 34 -10.66 -16.04 21.43
CA PHE A 34 -11.58 -14.96 21.17
C PHE A 34 -13.01 -15.46 21.19
N ASN A 35 -13.93 -14.62 21.67
CA ASN A 35 -15.33 -14.99 21.80
C ASN A 35 -16.07 -14.65 20.51
N LYS A 36 -16.32 -15.69 19.68
CA LYS A 36 -16.90 -15.50 18.35
C LYS A 36 -18.16 -14.64 18.38
N GLU A 37 -19.00 -14.80 19.40
CA GLU A 37 -20.18 -13.97 19.50
C GLU A 37 -19.80 -12.50 19.57
N GLU A 38 -18.77 -12.18 20.38
CA GLU A 38 -18.39 -10.78 20.54
C GLU A 38 -17.64 -10.26 19.34
N VAL A 39 -16.76 -11.08 18.76
CA VAL A 39 -16.05 -10.65 17.56
C VAL A 39 -17.03 -10.19 16.49
N LEU A 40 -18.06 -11.01 16.24
CA LEU A 40 -19.00 -10.67 15.16
C LEU A 40 -19.74 -9.39 15.46
N LYS A 41 -20.11 -9.19 16.73
CA LYS A 41 -20.67 -7.91 17.14
C LYS A 41 -19.72 -6.76 16.81
N GLU A 42 -18.42 -6.92 17.09
CA GLU A 42 -17.47 -5.85 16.82
C GLU A 42 -17.40 -5.55 15.34
N ILE A 43 -17.53 -6.57 14.50
CA ILE A 43 -17.52 -6.34 13.07
C ILE A 43 -18.75 -5.52 12.67
N GLU A 44 -19.92 -5.82 13.24
CA GLU A 44 -21.12 -5.00 13.01
C GLU A 44 -20.86 -3.54 13.34
N LEU A 45 -20.15 -3.28 14.43
CA LEU A 45 -19.88 -1.90 14.82
C LEU A 45 -18.84 -1.25 13.92
N ILE A 46 -17.88 -2.02 13.41
CA ILE A 46 -16.93 -1.47 12.45
C ILE A 46 -17.64 -1.15 11.16
N ASN A 47 -18.53 -2.04 10.73
CA ASN A 47 -19.38 -1.77 9.57
C ASN A 47 -20.08 -0.43 9.74
N ASN A 48 -20.81 -0.28 10.85
CA ASN A 48 -21.58 0.94 11.07
C ASN A 48 -20.67 2.17 11.08
N TRP A 49 -19.48 2.01 11.66
CA TRP A 49 -18.53 3.12 11.72
C TRP A 49 -18.04 3.51 10.33
N TYR A 50 -17.82 2.55 9.44
CA TYR A 50 -17.26 2.88 8.10
C TYR A 50 -18.30 3.60 7.26
N PHE A 51 -19.55 3.18 7.36
CA PHE A 51 -20.64 3.74 6.53
C PHE A 51 -21.09 5.10 7.06
N SER A 52 -20.29 5.72 7.92
CA SER A 52 -20.57 7.07 8.46
C SER A 52 -19.31 7.94 8.37
N LEU A 53 -18.18 7.40 7.91
CA LEU A 53 -16.95 8.15 7.76
C LEU A 53 -17.04 9.11 6.59
N GLU A 54 -16.65 10.36 6.82
CA GLU A 54 -16.57 11.30 5.71
C GLU A 54 -15.22 11.32 5.02
N ILE A 55 -14.13 10.89 5.69
CA ILE A 55 -12.83 10.99 5.05
C ILE A 55 -12.66 9.92 3.96
N ILE A 56 -13.35 8.78 4.09
CA ILE A 56 -13.29 7.79 3.01
C ILE A 56 -13.93 8.35 1.73
N ASP A 57 -15.00 9.16 1.86
CA ASP A 57 -15.59 9.82 0.67
C ASP A 57 -14.55 10.67 -0.06
N ASP A 58 -13.84 11.51 0.69
CA ASP A 58 -12.86 12.41 0.07
C ASP A 58 -11.63 11.69 -0.48
N LEU A 59 -11.56 10.33 -0.45
CA LEU A 59 -10.33 9.63 -0.83
C LEU A 59 -10.45 9.02 -2.21
N PRO A 60 -9.47 9.24 -3.09
CA PRO A 60 -9.52 8.69 -4.47
C PRO A 60 -9.13 7.23 -4.52
N LEU A 61 -9.89 6.38 -3.83
CA LEU A 61 -9.52 5.00 -3.62
C LEU A 61 -10.73 4.09 -3.68
N ASP A 62 -10.51 2.89 -4.21
CA ASP A 62 -11.57 1.86 -4.16
C ASP A 62 -11.48 1.20 -2.78
N SER A 63 -12.53 1.29 -1.98
CA SER A 63 -12.46 0.77 -0.59
C SER A 63 -13.55 -0.27 -0.32
N ARG A 64 -13.37 -1.13 0.67
CA ARG A 64 -14.39 -2.14 1.04
C ARG A 64 -14.31 -2.44 2.52
N ILE A 65 -15.45 -2.59 3.18
CA ILE A 65 -15.47 -3.10 4.59
C ILE A 65 -15.92 -4.56 4.55
N LYS A 66 -15.30 -5.42 5.37
CA LYS A 66 -15.65 -6.85 5.39
C LYS A 66 -17.01 -7.01 6.08
N SER A 67 -17.98 -7.68 5.43
CA SER A 67 -19.29 -7.84 6.03
C SER A 67 -19.21 -8.77 7.22
N VAL A 68 -20.19 -8.70 8.11
CA VAL A 68 -20.20 -9.63 9.29
C VAL A 68 -20.24 -11.07 8.77
N SER A 69 -20.95 -11.31 7.67
CA SER A 69 -21.07 -12.66 7.06
C SER A 69 -19.71 -13.16 6.55
N SER A 70 -18.94 -12.28 5.90
CA SER A 70 -17.61 -12.65 5.37
C SER A 70 -16.61 -12.83 6.52
N ALA A 71 -16.70 -12.03 7.58
CA ALA A 71 -15.81 -12.29 8.69
C ALA A 71 -16.13 -13.63 9.34
N LYS A 72 -17.42 -13.92 9.54
CA LYS A 72 -17.81 -15.19 10.17
C LYS A 72 -17.28 -16.39 9.38
N MET A 73 -17.36 -16.33 8.05
CA MET A 73 -16.80 -17.40 7.23
C MET A 73 -15.29 -17.47 7.40
N LYS A 74 -14.61 -16.31 7.40
CA LYS A 74 -13.16 -16.31 7.50
C LYS A 74 -12.70 -16.73 8.88
N PHE A 75 -13.51 -16.47 9.90
CA PHE A 75 -13.17 -16.92 11.25
C PHE A 75 -13.17 -18.44 11.32
N GLU A 76 -14.31 -19.07 10.99
CA GLU A 76 -14.41 -20.52 11.07
C GLU A 76 -13.42 -21.21 10.15
N ARG A 77 -13.11 -20.59 9.01
CA ARG A 77 -12.11 -21.15 8.10
C ARG A 77 -10.73 -21.22 8.71
N TYR A 78 -10.45 -20.46 9.77
CA TYR A 78 -9.11 -20.39 10.31
C TYR A 78 -9.01 -20.77 11.78
N TYR A 79 -10.13 -20.93 12.46
CA TYR A 79 -10.14 -21.45 13.81
C TYR A 79 -9.52 -22.85 13.82
N PRO A 80 -8.74 -23.21 14.85
CA PRO A 80 -8.42 -22.48 16.08
C PRO A 80 -7.02 -21.86 16.19
N ASN A 81 -6.08 -22.23 15.32
CA ASN A 81 -4.68 -21.90 15.59
C ASN A 81 -4.16 -20.72 14.77
N ALA A 82 -5.03 -19.92 14.16
CA ALA A 82 -4.57 -18.76 13.41
C ALA A 82 -4.43 -17.53 14.31
N THR A 83 -3.38 -16.74 14.06
CA THR A 83 -3.25 -15.45 14.72
C THR A 83 -4.39 -14.53 14.33
N TYR A 84 -4.93 -13.75 15.27
CA TYR A 84 -6.02 -12.80 14.93
C TYR A 84 -5.53 -11.73 13.94
N ASN A 85 -4.35 -11.16 14.14
CA ASN A 85 -3.90 -10.03 13.26
C ASN A 85 -3.42 -10.58 11.90
N ARG A 86 -3.55 -11.88 11.66
CA ARG A 86 -3.19 -12.46 10.34
C ARG A 86 -4.48 -12.78 9.58
N VAL A 87 -5.53 -13.17 10.30
CA VAL A 87 -6.85 -13.46 9.66
C VAL A 87 -7.56 -12.14 9.42
N PHE A 88 -7.87 -11.42 10.51
CA PHE A 88 -8.62 -10.17 10.37
C PHE A 88 -7.71 -8.97 10.09
N ASN A 89 -6.75 -9.16 9.20
CA ASN A 89 -5.88 -8.07 8.80
C ASN A 89 -6.43 -7.30 7.62
N ASP A 90 -7.69 -7.57 7.23
CA ASP A 90 -8.24 -6.96 6.02
C ASP A 90 -9.64 -6.43 6.22
N ILE A 91 -10.04 -6.07 7.45
CA ILE A 91 -11.42 -5.65 7.66
C ILE A 91 -11.74 -4.39 6.85
N LEU A 92 -10.88 -3.37 6.95
CA LEU A 92 -10.93 -2.24 6.02
C LEU A 92 -9.85 -2.45 4.97
N GLY A 93 -10.19 -2.26 3.71
CA GLY A 93 -9.26 -2.54 2.62
C GLY A 93 -9.44 -1.56 1.50
N PHE A 94 -8.33 -1.29 0.81
CA PHE A 94 -8.29 -0.43 -0.37
C PHE A 94 -7.61 -1.18 -1.50
N ARG A 95 -7.80 -0.69 -2.72
CA ARG A 95 -7.26 -1.32 -3.92
C ARG A 95 -6.76 -0.21 -4.84
N VAL A 96 -5.47 -0.25 -5.20
CA VAL A 96 -4.89 0.75 -6.09
C VAL A 96 -3.99 0.13 -7.15
N ILE A 97 -3.76 0.88 -8.21
CA ILE A 97 -2.82 0.51 -9.25
C ILE A 97 -1.62 1.45 -9.19
N CYS A 98 -0.43 0.88 -9.31
CA CYS A 98 0.86 1.53 -9.30
C CYS A 98 1.52 1.35 -10.66
N LYS A 99 2.42 2.26 -11.00
CA LYS A 99 3.19 2.10 -12.21
C LYS A 99 4.32 1.09 -12.06
N SER A 100 4.63 0.66 -10.84
CA SER A 100 5.74 -0.25 -10.58
C SER A 100 5.59 -0.82 -9.19
N TYR A 101 6.30 -1.91 -8.93
CA TYR A 101 6.29 -2.49 -7.59
C TYR A 101 7.46 -2.03 -6.74
N ASP A 102 8.59 -1.63 -7.35
CA ASP A 102 9.79 -1.24 -6.60
C ASP A 102 9.46 -0.35 -5.40
N GLU A 103 8.85 0.80 -5.65
CA GLU A 103 8.64 1.78 -4.58
C GLU A 103 7.61 1.30 -3.54
N VAL A 104 6.80 0.30 -3.89
CA VAL A 104 5.84 -0.25 -2.89
C VAL A 104 6.60 -1.11 -1.88
N LEU A 105 7.61 -1.85 -2.32
CA LEU A 105 8.35 -2.78 -1.42
C LEU A 105 9.26 -2.01 -0.46
N GLU A 106 9.39 -0.70 -0.65
CA GLU A 106 10.19 0.12 0.30
C GLU A 106 9.34 0.44 1.54
N LEU A 107 8.01 0.29 1.45
CA LEU A 107 7.19 0.52 2.63
C LEU A 107 7.48 -0.47 3.74
N GLU A 108 8.05 -1.63 3.41
CA GLU A 108 8.47 -2.56 4.45
C GLU A 108 9.34 -1.89 5.50
N LYS A 109 10.28 -1.03 5.05
CA LYS A 109 11.26 -0.37 5.90
C LYS A 109 10.65 0.64 6.86
N GLU A 110 9.34 0.88 6.79
CA GLU A 110 8.70 1.76 7.75
C GLU A 110 8.28 1.01 9.00
N ASP A 111 7.97 1.79 10.02
CA ASP A 111 7.36 1.28 11.24
C ASP A 111 5.87 1.17 11.01
N LYS A 112 5.29 0.09 11.52
CA LYS A 112 3.87 -0.19 11.53
C LYS A 112 3.37 -0.68 10.18
N ILE A 113 4.22 -0.71 9.15
CA ILE A 113 3.83 -1.20 7.83
C ILE A 113 4.55 -2.52 7.57
N ARG A 114 3.76 -3.56 7.31
CA ARG A 114 4.19 -4.90 6.94
C ARG A 114 3.76 -5.18 5.50
N VAL A 115 4.62 -5.82 4.71
CA VAL A 115 4.36 -6.03 3.28
C VAL A 115 4.35 -7.52 2.96
N VAL A 116 3.40 -7.95 2.13
CA VAL A 116 3.22 -9.35 1.76
C VAL A 116 3.28 -9.43 0.25
N ASP A 117 4.39 -9.91 -0.29
CA ASP A 117 4.62 -9.93 -1.74
C ASP A 117 4.04 -11.19 -2.36
N MET A 118 3.36 -11.02 -3.50
CA MET A 118 2.87 -12.16 -4.24
C MET A 118 3.09 -12.01 -5.75
N SER A 119 3.81 -10.97 -6.19
CA SER A 119 4.00 -10.63 -7.60
C SER A 119 4.27 -11.82 -8.53
N GLY A 127 -2.88 -18.96 -7.70
CA GLY A 127 -3.22 -18.47 -9.03
C GLY A 127 -3.01 -16.98 -9.33
N PHE A 128 -3.20 -16.09 -8.33
CA PHE A 128 -3.23 -14.65 -8.53
C PHE A 128 -1.85 -14.01 -8.29
N ARG A 129 -1.78 -12.67 -8.34
CA ARG A 129 -0.53 -11.92 -8.18
C ARG A 129 -0.84 -10.54 -7.62
N GLY A 130 0.16 -9.93 -6.98
CA GLY A 130 0.05 -8.58 -6.45
C GLY A 130 0.72 -8.40 -5.10
N ILE A 131 0.66 -7.19 -4.53
CA ILE A 131 1.39 -6.85 -3.30
C ILE A 131 0.43 -6.27 -2.27
N HIS A 132 0.44 -6.82 -1.06
CA HIS A 132 -0.45 -6.39 0.00
C HIS A 132 0.35 -5.67 1.08
N VAL A 133 -0.14 -4.51 1.49
CA VAL A 133 0.51 -3.66 2.48
C VAL A 133 -0.47 -3.47 3.65
N TYR A 134 0.04 -3.60 4.87
CA TYR A 134 -0.79 -3.54 6.07
C TYR A 134 -0.24 -2.50 7.02
N TYR A 135 -1.07 -1.53 7.39
CA TYR A 135 -0.73 -0.62 8.48
C TYR A 135 -1.46 -1.10 9.71
N GLN A 136 -0.73 -1.23 10.82
CA GLN A 136 -1.35 -1.58 12.10
C GLN A 136 -0.77 -0.68 13.16
N ARG A 137 -1.62 0.19 13.70
CA ARG A 137 -1.20 1.14 14.72
C ARG A 137 -0.50 0.43 15.88
N ASP A 138 -1.21 -0.49 16.53
CA ASP A 138 -0.67 -1.32 17.59
C ASP A 138 -1.48 -2.61 17.59
N ASN A 139 -1.27 -3.43 18.61
CA ASN A 139 -1.82 -4.77 18.59
C ASN A 139 -3.22 -4.90 19.15
N HIS A 140 -3.92 -3.80 19.45
CA HIS A 140 -5.35 -3.86 19.73
C HIS A 140 -6.13 -2.94 18.80
N HIS A 141 -5.57 -2.65 17.63
CA HIS A 141 -6.25 -1.94 16.55
C HIS A 141 -6.34 -2.87 15.35
N TYR A 142 -7.32 -2.59 14.46
CA TYR A 142 -7.42 -3.44 13.27
C TYR A 142 -6.49 -2.92 12.18
N PRO A 143 -5.81 -3.82 11.46
CA PRO A 143 -4.94 -3.37 10.36
C PRO A 143 -5.73 -2.98 9.12
N ILE A 144 -5.18 -2.03 8.37
CA ILE A 144 -5.76 -1.60 7.11
C ILE A 144 -5.01 -2.30 5.98
N GLU A 145 -5.75 -2.97 5.10
CA GLU A 145 -5.17 -3.65 3.96
C GLU A 145 -5.10 -2.70 2.79
N ILE A 146 -4.04 -2.80 2.00
CA ILE A 146 -3.93 -2.07 0.74
C ILE A 146 -3.37 -3.01 -0.31
N GLN A 147 -4.19 -3.34 -1.31
CA GLN A 147 -3.77 -4.20 -2.41
C GLN A 147 -3.21 -3.35 -3.55
N PHE A 148 -1.92 -3.52 -3.85
CA PHE A 148 -1.30 -2.88 -5.00
C PHE A 148 -1.25 -3.83 -6.20
N ASN A 149 -1.39 -3.26 -7.40
CA ASN A 149 -1.43 -4.12 -8.60
C ASN A 149 -1.04 -3.35 -9.86
N THR A 150 0.08 -3.68 -10.52
CA THR A 150 0.35 -3.07 -11.81
C THR A 150 -0.73 -3.51 -12.79
N TYR A 151 -0.86 -2.80 -13.91
CA TYR A 151 -1.85 -3.21 -14.91
C TYR A 151 -1.67 -4.69 -15.29
N TYR A 152 -0.43 -5.19 -15.31
CA TYR A 152 -0.19 -6.59 -15.72
C TYR A 152 -0.89 -7.55 -14.74
N ASP A 153 -0.81 -7.27 -13.44
CA ASP A 153 -1.40 -8.18 -12.43
C ASP A 153 -2.89 -7.90 -12.27
N ARG A 154 -3.33 -6.66 -12.44
CA ARG A 154 -4.76 -6.28 -12.27
C ARG A 154 -5.60 -6.93 -13.36
N GLN A 155 -5.10 -6.96 -14.60
CA GLN A 155 -5.84 -7.65 -15.69
C GLN A 155 -5.71 -9.17 -15.53
N LEU A 156 -4.61 -9.69 -15.02
CA LEU A 156 -4.60 -11.16 -14.82
C LEU A 156 -5.56 -11.51 -13.69
N ASN A 157 -5.58 -10.75 -12.60
CA ASN A 157 -6.53 -11.01 -11.48
C ASN A 157 -7.97 -10.95 -11.98
N ASP A 158 -8.35 -9.88 -12.71
CA ASP A 158 -9.72 -9.75 -13.17
C ASP A 158 -10.10 -10.86 -14.13
N TRP A 159 -9.18 -11.26 -14.99
CA TRP A 159 -9.45 -12.33 -15.93
C TRP A 159 -9.65 -13.66 -15.21
N LEU A 160 -8.87 -13.91 -14.16
CA LEU A 160 -9.06 -15.13 -13.38
C LEU A 160 -10.39 -15.14 -12.66
N HIS A 161 -10.87 -13.97 -12.21
CA HIS A 161 -12.22 -13.88 -11.65
C HIS A 161 -13.27 -14.44 -12.61
N ASP A 162 -13.11 -14.18 -13.91
CA ASP A 162 -14.12 -14.59 -14.88
C ASP A 162 -14.11 -16.11 -15.11
N LYS A 163 -12.94 -16.74 -14.98
CA LYS A 163 -12.84 -18.20 -15.23
C LYS A 163 -12.91 -18.99 -13.92
N PHE A 164 -13.16 -18.32 -12.80
CA PHE A 164 -13.28 -19.00 -11.49
C PHE A 164 -14.72 -18.88 -11.00
N TYR A 165 -15.19 -17.65 -10.82
CA TYR A 165 -16.57 -17.41 -10.37
C TYR A 165 -17.44 -17.15 -11.60
N MET B 1 -10.47 42.13 29.17
CA MET B 1 -9.59 43.24 28.76
C MET B 1 -10.39 44.17 27.89
N TYR B 2 -10.04 45.46 27.91
CA TYR B 2 -10.83 46.43 27.16
C TYR B 2 -10.84 46.14 25.66
N ILE B 3 -9.93 45.29 25.16
CA ILE B 3 -9.89 44.98 23.74
C ILE B 3 -11.16 44.24 23.33
N LEU B 4 -11.59 43.27 24.14
CA LEU B 4 -12.81 42.51 23.86
C LEU B 4 -14.07 43.30 24.19
N ASP B 5 -14.00 44.16 25.19
CA ASP B 5 -15.17 44.97 25.60
C ASP B 5 -15.45 45.98 24.49
N LYS B 6 -14.42 46.40 23.77
CA LYS B 6 -14.59 47.34 22.64
C LYS B 6 -15.39 46.69 21.51
N ILE B 7 -15.21 45.38 21.29
CA ILE B 7 -15.89 44.69 20.16
C ILE B 7 -17.23 44.10 20.62
N GLY B 8 -17.62 44.34 21.87
CA GLY B 8 -18.94 43.90 22.35
C GLY B 8 -18.92 42.56 23.06
N LEU B 9 -17.74 42.04 23.33
CA LEU B 9 -17.63 40.71 23.92
C LEU B 9 -17.02 40.82 25.30
N ASN B 10 -17.67 41.58 26.18
CA ASN B 10 -17.21 41.60 27.56
C ASN B 10 -17.51 40.24 28.22
N ILE B 11 -16.87 40.01 29.37
CA ILE B 11 -16.96 38.72 30.05
C ILE B 11 -18.40 38.28 30.24
N GLU B 12 -19.27 39.21 30.62
CA GLU B 12 -20.66 38.85 30.88
C GLU B 12 -21.35 38.28 29.64
N ILE B 13 -20.91 38.73 28.46
CA ILE B 13 -21.39 38.18 27.19
C ILE B 13 -20.81 36.79 26.94
N LEU B 14 -19.48 36.67 27.03
CA LEU B 14 -18.81 35.41 26.75
C LEU B 14 -19.33 34.25 27.61
N GLU B 15 -19.72 34.54 28.85
CA GLU B 15 -20.19 33.46 29.71
C GLU B 15 -21.61 33.02 29.32
N SER B 16 -22.46 33.99 28.97
CA SER B 16 -23.80 33.64 28.51
C SER B 16 -23.75 32.88 27.20
N LEU B 17 -22.75 33.18 26.36
CA LEU B 17 -22.48 32.54 25.08
C LEU B 17 -21.71 31.22 25.20
N SER B 18 -21.45 30.73 26.41
CA SER B 18 -20.72 29.50 26.68
C SER B 18 -21.68 28.33 26.87
N TYR B 19 -21.26 27.14 26.42
CA TYR B 19 -22.10 25.95 26.41
C TYR B 19 -21.50 24.86 27.31
N GLU B 20 -22.28 24.40 28.28
CA GLU B 20 -21.90 23.34 29.22
C GLU B 20 -22.03 21.96 28.60
N SER B 21 -20.94 21.21 28.57
CA SER B 21 -20.97 19.90 27.93
C SER B 21 -21.61 18.86 28.83
N LYS B 22 -22.47 18.03 28.24
CA LYS B 22 -23.12 16.95 29.03
C LYS B 22 -22.39 15.62 28.82
N LEU B 23 -21.28 15.61 28.07
CA LEU B 23 -20.52 14.37 27.78
C LEU B 23 -19.90 13.84 29.08
N GLY B 24 -19.48 14.73 29.97
CA GLY B 24 -18.89 14.31 31.26
C GLY B 24 -17.42 13.94 31.14
N MET B 25 -16.70 14.53 30.20
CA MET B 25 -15.23 14.28 30.07
C MET B 25 -14.49 15.61 29.99
N SER B 26 -13.31 15.68 30.58
CA SER B 26 -12.48 16.91 30.46
C SER B 26 -12.18 17.12 28.98
N PHE B 27 -12.27 18.37 28.56
CA PHE B 27 -11.95 18.70 27.16
C PHE B 27 -10.43 18.67 27.00
N LYS B 28 -9.69 18.55 28.10
CA LYS B 28 -8.26 18.36 27.99
C LYS B 28 -7.90 16.97 27.53
N ARG B 29 -8.87 16.07 27.44
CA ARG B 29 -8.61 14.71 27.01
C ARG B 29 -8.52 14.62 25.49
N THR B 30 -8.10 13.46 25.01
CA THR B 30 -7.87 13.27 23.58
C THR B 30 -9.11 12.66 22.95
N LEU B 31 -9.23 12.86 21.62
CA LEU B 31 -10.43 12.44 20.91
C LEU B 31 -10.72 10.95 21.09
N SER B 32 -9.70 10.13 21.37
CA SER B 32 -9.96 8.69 21.51
C SER B 32 -10.83 8.40 22.73
N HIS B 33 -10.66 9.17 23.82
CA HIS B 33 -11.50 9.03 25.01
C HIS B 33 -12.97 9.33 24.78
N PHE B 34 -13.35 9.84 23.60
CA PHE B 34 -14.68 10.34 23.34
C PHE B 34 -15.41 9.41 22.38
N ASN B 35 -16.74 9.46 22.46
CA ASN B 35 -17.61 8.62 21.66
C ASN B 35 -18.10 9.39 20.44
N LYS B 36 -17.76 8.89 19.25
CA LYS B 36 -17.99 9.64 18.02
C LYS B 36 -19.45 10.03 17.85
N GLU B 37 -20.37 9.10 18.12
CA GLU B 37 -21.76 9.42 17.81
C GLU B 37 -22.37 10.33 18.89
N GLU B 38 -21.86 10.26 20.13
CA GLU B 38 -22.38 11.11 21.18
C GLU B 38 -21.80 12.52 21.10
N VAL B 39 -20.57 12.64 20.60
CA VAL B 39 -20.02 13.96 20.30
C VAL B 39 -20.83 14.63 19.20
N LEU B 40 -21.15 13.89 18.14
CA LEU B 40 -21.87 14.46 17.00
C LEU B 40 -23.28 14.89 17.39
N LYS B 41 -23.92 14.15 18.29
CA LYS B 41 -25.26 14.57 18.71
C LYS B 41 -25.17 15.81 19.59
N GLU B 42 -24.13 15.91 20.43
CA GLU B 42 -23.91 17.16 21.18
C GLU B 42 -23.66 18.32 20.25
N ILE B 43 -22.82 18.11 19.23
CA ILE B 43 -22.42 19.20 18.34
C ILE B 43 -23.67 19.76 17.66
N GLU B 44 -24.57 18.87 17.25
CA GLU B 44 -25.88 19.24 16.74
C GLU B 44 -26.73 20.03 17.75
N LEU B 45 -26.50 19.86 19.06
CA LEU B 45 -27.26 20.68 20.02
C LEU B 45 -26.64 22.07 20.22
N ILE B 46 -25.30 22.16 20.37
CA ILE B 46 -24.66 23.48 20.42
C ILE B 46 -25.05 24.31 19.19
N ASN B 47 -25.06 23.66 18.03
CA ASN B 47 -25.48 24.34 16.81
C ASN B 47 -26.87 24.97 16.96
N ASN B 48 -27.89 24.13 17.24
CA ASN B 48 -29.26 24.64 17.39
C ASN B 48 -29.36 25.68 18.47
N TRP B 49 -28.50 25.61 19.49
CA TRP B 49 -28.52 26.61 20.53
C TRP B 49 -28.15 27.98 19.97
N TYR B 50 -26.95 28.06 19.38
CA TYR B 50 -26.42 29.31 18.82
C TYR B 50 -27.33 29.89 17.74
N PHE B 51 -28.13 29.08 17.07
CA PHE B 51 -29.02 29.65 16.07
C PHE B 51 -30.31 30.18 16.67
N SER B 52 -30.50 30.01 17.99
CA SER B 52 -31.63 30.57 18.72
C SER B 52 -31.32 31.96 19.23
N LEU B 53 -30.07 32.21 19.59
CA LEU B 53 -29.71 33.45 20.25
C LEU B 53 -29.72 34.59 19.24
N GLU B 54 -30.36 35.69 19.62
CA GLU B 54 -30.29 36.88 18.78
C GLU B 54 -29.12 37.79 19.15
N ILE B 55 -28.52 37.61 20.34
CA ILE B 55 -27.38 38.43 20.75
C ILE B 55 -26.22 38.30 19.78
N ILE B 56 -26.12 37.14 19.10
CA ILE B 56 -25.03 36.90 18.16
C ILE B 56 -25.08 37.84 16.96
N ASP B 57 -26.22 38.46 16.70
CA ASP B 57 -26.35 39.27 15.50
C ASP B 57 -26.26 40.76 15.77
N ASP B 58 -26.62 41.18 17.00
CA ASP B 58 -26.43 42.55 17.44
C ASP B 58 -24.99 42.88 17.77
N LEU B 59 -24.17 41.86 18.03
CA LEU B 59 -22.75 42.11 18.07
C LEU B 59 -22.33 42.73 16.73
N PRO B 60 -21.31 43.58 16.74
CA PRO B 60 -20.84 44.23 15.51
C PRO B 60 -19.86 43.41 14.65
N LEU B 61 -19.68 42.10 14.86
CA LEU B 61 -18.53 41.37 14.32
C LEU B 61 -18.91 40.34 13.24
N ASP B 62 -17.91 40.00 12.41
CA ASP B 62 -18.00 38.86 11.49
C ASP B 62 -18.01 37.57 12.30
N SER B 63 -19.11 36.81 12.25
CA SER B 63 -19.23 35.62 13.06
C SER B 63 -19.73 34.46 12.21
N ARG B 64 -19.40 33.26 12.69
CA ARG B 64 -19.87 32.05 12.01
C ARG B 64 -20.02 30.91 13.01
N ILE B 65 -21.13 30.20 12.90
CA ILE B 65 -21.35 28.96 13.66
C ILE B 65 -20.93 27.77 12.80
N LYS B 66 -20.15 26.86 13.39
CA LYS B 66 -19.63 25.75 12.59
C LYS B 66 -20.76 24.78 12.26
N SER B 67 -20.78 24.32 11.01
CA SER B 67 -21.75 23.28 10.66
C SER B 67 -21.37 21.96 11.34
N VAL B 68 -22.32 21.02 11.38
CA VAL B 68 -22.02 19.69 11.91
C VAL B 68 -21.06 18.95 10.98
N SER B 69 -21.37 18.91 9.70
CA SER B 69 -20.51 18.21 8.75
C SER B 69 -19.08 18.72 8.81
N SER B 70 -18.90 20.04 8.90
CA SER B 70 -17.57 20.60 8.98
C SER B 70 -16.87 20.18 10.29
N ALA B 71 -17.60 20.21 11.41
CA ALA B 71 -17.05 19.78 12.68
C ALA B 71 -16.71 18.30 12.67
N LYS B 72 -17.53 17.49 12.00
CA LYS B 72 -17.29 16.06 11.96
C LYS B 72 -16.02 15.72 11.18
N MET B 73 -15.86 16.32 10.02
CA MET B 73 -14.63 16.13 9.21
C MET B 73 -13.41 16.57 10.00
N LYS B 74 -13.56 17.55 10.89
CA LYS B 74 -12.43 17.91 11.75
C LYS B 74 -12.16 16.83 12.80
N PHE B 75 -13.22 16.26 13.37
CA PHE B 75 -13.05 15.14 14.31
C PHE B 75 -12.33 13.96 13.64
N GLU B 76 -12.77 13.57 12.45
CA GLU B 76 -12.12 12.47 11.75
C GLU B 76 -10.66 12.80 11.43
N ARG B 77 -10.38 14.03 11.02
CA ARG B 77 -9.01 14.34 10.59
C ARG B 77 -8.04 14.29 11.76
N TYR B 78 -8.45 14.74 12.94
CA TYR B 78 -7.54 14.80 14.07
C TYR B 78 -7.59 13.60 14.98
N TYR B 79 -8.54 12.70 14.79
CA TYR B 79 -8.59 11.48 15.56
C TYR B 79 -7.28 10.70 15.36
N PRO B 80 -6.78 10.03 16.39
CA PRO B 80 -7.28 9.92 17.77
C PRO B 80 -6.49 10.69 18.81
N ASN B 81 -5.47 11.46 18.45
CA ASN B 81 -4.54 11.96 19.44
C ASN B 81 -4.69 13.44 19.77
N ALA B 82 -5.56 14.15 19.06
CA ALA B 82 -5.75 15.56 19.34
C ALA B 82 -6.60 15.75 20.59
N THR B 83 -6.34 16.86 21.30
CA THR B 83 -7.12 17.28 22.46
C THR B 83 -8.49 17.79 22.03
N TYR B 84 -9.53 17.43 22.77
CA TYR B 84 -10.87 17.90 22.41
C TYR B 84 -10.93 19.43 22.33
N ASN B 85 -10.50 20.12 23.39
CA ASN B 85 -10.63 21.57 23.32
C ASN B 85 -9.75 22.20 22.25
N ARG B 86 -8.85 21.44 21.61
CA ARG B 86 -8.14 22.00 20.46
C ARG B 86 -8.73 21.57 19.12
N VAL B 87 -9.40 20.43 19.04
CA VAL B 87 -10.19 20.11 17.84
C VAL B 87 -11.41 21.02 17.77
N PHE B 88 -12.28 20.96 18.78
CA PHE B 88 -13.52 21.74 18.78
C PHE B 88 -13.35 23.10 19.47
N ASN B 89 -12.34 23.85 19.07
CA ASN B 89 -12.12 25.15 19.70
C ASN B 89 -12.81 26.28 18.97
N ASP B 90 -13.54 25.99 17.89
CA ASP B 90 -14.01 27.07 17.03
C ASP B 90 -15.46 26.86 16.62
N ILE B 91 -16.27 26.22 17.47
CA ILE B 91 -17.69 26.04 17.14
C ILE B 91 -18.35 27.38 16.88
N LEU B 92 -18.10 28.37 17.73
CA LEU B 92 -18.51 29.76 17.52
C LEU B 92 -17.26 30.57 17.27
N GLY B 93 -17.20 31.24 16.13
CA GLY B 93 -16.01 31.97 15.75
C GLY B 93 -16.36 33.42 15.42
N PHE B 94 -15.40 34.30 15.66
CA PHE B 94 -15.48 35.71 15.29
C PHE B 94 -14.17 36.09 14.60
N ARG B 95 -14.23 37.14 13.81
CA ARG B 95 -13.08 37.68 13.10
C ARG B 95 -13.06 39.18 13.33
N VAL B 96 -11.94 39.73 13.74
CA VAL B 96 -11.89 41.16 14.00
C VAL B 96 -10.54 41.70 13.58
N ILE B 97 -10.54 42.94 13.07
CA ILE B 97 -9.32 43.62 12.65
C ILE B 97 -8.88 44.58 13.74
N CYS B 98 -7.64 44.41 14.19
CA CYS B 98 -7.07 45.17 15.29
C CYS B 98 -6.02 46.14 14.76
N LYS B 99 -5.72 47.14 15.59
CA LYS B 99 -4.63 48.06 15.27
C LYS B 99 -3.28 47.35 15.37
N SER B 100 -2.98 46.78 16.53
CA SER B 100 -1.72 46.08 16.74
C SER B 100 -1.97 44.86 17.59
N TYR B 101 -1.12 43.84 17.39
CA TYR B 101 -1.15 42.63 18.20
C TYR B 101 -0.70 42.84 19.62
N ASP B 102 -0.25 44.05 19.97
CA ASP B 102 0.37 44.26 21.28
C ASP B 102 -0.66 44.11 22.38
N GLU B 103 -1.80 44.79 22.26
CA GLU B 103 -2.84 44.70 23.29
C GLU B 103 -3.48 43.32 23.34
N VAL B 104 -3.59 42.62 22.20
CA VAL B 104 -4.30 41.35 22.19
C VAL B 104 -3.43 40.22 22.73
N LEU B 105 -2.10 40.32 22.58
CA LEU B 105 -1.21 39.33 23.19
C LEU B 105 -1.33 39.33 24.71
N GLU B 106 -1.47 40.51 25.31
CA GLU B 106 -1.62 40.60 26.77
C GLU B 106 -2.83 39.84 27.28
N LEU B 107 -3.81 39.57 26.41
CA LEU B 107 -5.01 38.87 26.82
C LEU B 107 -4.72 37.47 27.32
N GLU B 108 -3.50 36.94 27.13
CA GLU B 108 -3.16 35.65 27.72
C GLU B 108 -3.19 35.69 29.23
N LYS B 109 -2.98 36.87 29.81
CA LYS B 109 -2.93 37.07 31.25
C LYS B 109 -4.31 37.25 31.89
N GLU B 110 -5.38 36.91 31.16
CA GLU B 110 -6.75 37.17 31.69
C GLU B 110 -7.42 35.87 32.16
N ASP B 111 -6.68 35.01 32.86
CA ASP B 111 -7.25 33.75 33.46
C ASP B 111 -7.88 32.82 32.41
N LYS B 112 -9.13 33.05 32.00
CA LYS B 112 -9.83 32.10 31.10
C LYS B 112 -9.54 32.34 29.61
N ILE B 113 -8.43 33.01 29.27
CA ILE B 113 -8.17 33.34 27.83
C ILE B 113 -6.76 32.88 27.43
N ARG B 114 -6.66 32.09 26.35
CA ARG B 114 -5.37 31.63 25.85
C ARG B 114 -5.18 32.16 24.43
N VAL B 115 -3.97 32.62 24.13
CA VAL B 115 -3.65 33.25 22.85
C VAL B 115 -2.78 32.28 22.05
N VAL B 116 -2.98 32.24 20.74
CA VAL B 116 -2.11 31.48 19.85
C VAL B 116 -1.56 32.46 18.82
N ASP B 117 -0.24 32.55 18.73
CA ASP B 117 0.47 33.54 17.92
C ASP B 117 1.10 32.85 16.71
N MET B 118 0.33 32.74 15.63
CA MET B 118 0.75 32.02 14.42
C MET B 118 1.46 32.92 13.39
N SER B 119 2.02 34.04 13.83
CA SER B 119 2.82 34.88 12.94
C SER B 119 4.12 34.18 12.52
N GLY B 127 1.83 29.81 5.17
CA GLY B 127 2.27 31.19 5.22
C GLY B 127 1.30 32.20 5.84
N PHE B 128 0.12 31.74 6.24
CA PHE B 128 -0.88 32.61 6.85
C PHE B 128 -0.37 33.21 8.16
N ARG B 129 -0.79 34.44 8.46
CA ARG B 129 -0.41 35.11 9.69
C ARG B 129 -1.65 35.54 10.45
N GLY B 130 -1.52 35.72 11.75
CA GLY B 130 -2.63 36.17 12.58
C GLY B 130 -2.41 35.77 14.03
N ILE B 131 -3.43 36.03 14.85
CA ILE B 131 -3.42 35.73 16.30
C ILE B 131 -4.82 35.34 16.76
N HIS B 132 -4.96 34.14 17.31
CA HIS B 132 -6.26 33.57 17.66
C HIS B 132 -6.40 33.51 19.16
N VAL B 133 -7.57 33.88 19.66
CA VAL B 133 -7.82 34.03 21.07
C VAL B 133 -9.00 33.15 21.45
N TYR B 134 -8.88 32.44 22.58
CA TYR B 134 -9.86 31.42 22.96
C TYR B 134 -10.34 31.65 24.39
N TYR B 135 -11.62 31.92 24.53
CA TYR B 135 -12.26 31.94 25.84
C TYR B 135 -12.85 30.56 26.13
N GLN B 136 -12.53 29.99 27.29
CA GLN B 136 -13.14 28.74 27.73
C GLN B 136 -13.51 28.87 29.21
N ARG B 137 -14.80 28.85 29.54
CA ARG B 137 -15.25 29.06 30.94
C ARG B 137 -14.68 27.98 31.85
N ASP B 138 -14.77 26.71 31.45
CA ASP B 138 -14.22 25.57 32.23
C ASP B 138 -13.96 24.42 31.25
N ASN B 139 -13.28 23.35 31.70
CA ASN B 139 -12.91 22.25 30.79
C ASN B 139 -14.14 21.37 30.49
N HIS B 140 -15.32 21.93 30.71
CA HIS B 140 -16.59 21.24 30.37
C HIS B 140 -17.41 22.24 29.55
N HIS B 141 -16.82 23.38 29.21
CA HIS B 141 -17.48 24.39 28.34
C HIS B 141 -16.72 24.45 27.01
N TYR B 142 -17.43 24.65 25.91
CA TYR B 142 -16.76 24.74 24.62
C TYR B 142 -16.07 26.08 24.49
N PRO B 143 -14.82 26.10 24.01
CA PRO B 143 -14.14 27.38 23.74
C PRO B 143 -14.87 28.21 22.69
N ILE B 144 -14.61 29.52 22.73
CA ILE B 144 -15.12 30.49 21.76
C ILE B 144 -13.91 31.17 21.13
N GLU B 145 -13.82 31.14 19.80
CA GLU B 145 -12.64 31.57 19.06
C GLU B 145 -12.81 32.98 18.51
N ILE B 146 -11.77 33.80 18.62
CA ILE B 146 -11.71 35.12 18.01
C ILE B 146 -10.40 35.22 17.24
N GLN B 147 -10.48 35.36 15.92
CA GLN B 147 -9.27 35.47 15.11
C GLN B 147 -9.03 36.95 14.86
N PHE B 148 -7.95 37.47 15.45
CA PHE B 148 -7.52 38.86 15.26
C PHE B 148 -6.56 38.97 14.08
N ASN B 149 -6.65 40.08 13.38
CA ASN B 149 -5.86 40.33 12.18
C ASN B 149 -5.56 41.81 12.03
N THR B 150 -4.31 42.14 11.79
CA THR B 150 -4.06 43.49 11.32
C THR B 150 -4.42 43.57 9.84
N TYR B 151 -4.65 44.80 9.33
CA TYR B 151 -4.83 44.93 7.89
C TYR B 151 -3.64 44.31 7.16
N TYR B 152 -2.42 44.52 7.68
CA TYR B 152 -1.22 43.97 7.06
C TYR B 152 -1.37 42.48 6.81
N ASP B 153 -1.85 41.75 7.82
CA ASP B 153 -1.93 40.31 7.74
C ASP B 153 -3.18 39.87 6.97
N ARG B 154 -4.32 40.54 7.15
CA ARG B 154 -5.53 40.04 6.48
C ARG B 154 -5.48 40.26 4.97
N GLN B 155 -4.85 41.36 4.53
CA GLN B 155 -4.63 41.56 3.10
C GLN B 155 -3.79 40.44 2.53
N LEU B 156 -2.79 40.01 3.29
CA LEU B 156 -1.94 38.92 2.83
C LEU B 156 -2.65 37.58 2.91
N ASN B 157 -3.30 37.29 4.03
CA ASN B 157 -4.10 36.08 4.13
C ASN B 157 -5.05 35.95 2.95
N ASP B 158 -5.81 37.02 2.66
CA ASP B 158 -6.77 36.96 1.56
C ASP B 158 -6.09 36.80 0.21
N TRP B 159 -4.89 37.33 0.07
CA TRP B 159 -4.12 37.11 -1.14
C TRP B 159 -3.73 35.64 -1.25
N LEU B 160 -3.18 35.07 -0.17
CA LEU B 160 -2.85 33.65 -0.14
C LEU B 160 -4.07 32.79 -0.45
N HIS B 161 -5.20 33.10 0.20
CA HIS B 161 -6.44 32.34 0.08
C HIS B 161 -6.93 32.23 -1.35
N ASP B 162 -6.38 33.00 -2.28
CA ASP B 162 -6.92 32.99 -3.62
C ASP B 162 -5.82 32.79 -4.65
N LYS B 163 -4.87 33.71 -4.70
CA LYS B 163 -3.68 33.50 -5.52
C LYS B 163 -2.88 32.34 -4.93
N PHE B 164 -2.50 31.38 -5.77
CA PHE B 164 -1.95 30.10 -5.34
C PHE B 164 -2.89 29.37 -4.35
N TYR B 165 -4.14 29.21 -4.79
CA TYR B 165 -5.17 28.56 -3.96
C TYR B 165 -6.48 28.31 -4.74
N MET C 1 30.83 -27.67 -35.20
CA MET C 1 31.41 -26.71 -36.11
C MET C 1 30.57 -26.55 -37.38
N TYR C 2 30.54 -27.58 -38.24
CA TYR C 2 29.79 -27.45 -39.49
C TYR C 2 28.29 -27.40 -39.24
N ILE C 3 27.78 -28.18 -38.30
CA ILE C 3 26.34 -28.17 -38.06
C ILE C 3 25.87 -26.81 -37.57
N LEU C 4 26.68 -26.12 -36.76
CA LEU C 4 26.29 -24.80 -36.26
C LEU C 4 26.08 -23.82 -37.39
N ASP C 5 27.07 -23.69 -38.27
CA ASP C 5 26.90 -22.78 -39.40
C ASP C 5 25.75 -23.23 -40.31
N LYS C 6 25.56 -24.53 -40.47
CA LYS C 6 24.43 -25.00 -41.26
C LYS C 6 23.09 -24.57 -40.69
N ILE C 7 23.05 -23.92 -39.52
CA ILE C 7 21.78 -23.53 -38.93
C ILE C 7 21.74 -22.05 -38.58
N GLY C 8 22.73 -21.28 -39.03
CA GLY C 8 22.71 -19.85 -38.82
C GLY C 8 23.30 -19.38 -37.53
N LEU C 9 24.23 -20.13 -36.94
CA LEU C 9 24.84 -19.76 -35.67
C LEU C 9 26.35 -19.96 -35.76
N ASN C 10 27.05 -19.41 -34.77
CA ASN C 10 28.44 -19.68 -34.54
C ASN C 10 28.77 -19.25 -33.11
N ILE C 11 30.01 -19.49 -32.70
CA ILE C 11 30.42 -19.19 -31.33
C ILE C 11 30.51 -17.68 -31.09
N GLU C 12 30.77 -16.87 -32.12
CA GLU C 12 30.85 -15.44 -31.85
C GLU C 12 29.46 -14.86 -31.55
N ILE C 13 28.41 -15.36 -32.21
CA ILE C 13 27.07 -14.90 -31.91
C ILE C 13 26.58 -15.45 -30.57
N LEU C 14 26.75 -16.77 -30.38
CA LEU C 14 26.40 -17.38 -29.09
C LEU C 14 27.10 -16.71 -27.92
N GLU C 15 28.29 -16.16 -28.12
CA GLU C 15 28.97 -15.52 -27.00
C GLU C 15 28.49 -14.09 -26.77
N SER C 16 28.06 -13.40 -27.83
CA SER C 16 27.51 -12.07 -27.62
C SER C 16 26.12 -12.13 -26.97
N LEU C 17 25.41 -13.24 -27.10
CA LEU C 17 24.12 -13.45 -26.46
C LEU C 17 24.21 -13.77 -24.97
N SER C 18 25.40 -13.96 -24.41
CA SER C 18 25.56 -14.47 -23.06
C SER C 18 25.49 -13.35 -22.04
N TYR C 19 24.52 -13.46 -21.14
CA TYR C 19 24.27 -12.46 -20.11
C TYR C 19 25.12 -12.80 -18.89
N GLU C 20 25.81 -11.80 -18.34
CA GLU C 20 26.71 -12.02 -17.18
C GLU C 20 25.99 -11.80 -15.86
N SER C 21 26.06 -12.79 -14.98
CA SER C 21 25.41 -12.70 -13.65
C SER C 21 26.05 -11.63 -12.78
N LYS C 22 25.27 -11.09 -11.86
CA LYS C 22 25.80 -10.14 -10.88
C LYS C 22 25.53 -10.69 -9.47
N LEU C 23 25.14 -11.96 -9.38
CA LEU C 23 24.85 -12.64 -8.09
C LEU C 23 26.14 -13.04 -7.39
N GLY C 24 27.30 -12.80 -8.03
CA GLY C 24 28.61 -13.10 -7.41
C GLY C 24 28.68 -14.53 -6.90
N MET C 25 28.34 -15.50 -7.75
CA MET C 25 28.31 -16.92 -7.31
C MET C 25 28.66 -17.85 -8.48
N SER C 26 29.45 -18.90 -8.22
CA SER C 26 29.75 -19.90 -9.27
C SER C 26 28.47 -20.68 -9.57
N PHE C 27 28.13 -20.84 -10.85
CA PHE C 27 26.89 -21.56 -11.23
C PHE C 27 27.11 -23.05 -11.08
N LYS C 28 28.31 -23.45 -10.66
CA LYS C 28 28.59 -24.88 -10.38
C LYS C 28 28.01 -25.25 -9.02
N ARG C 29 27.68 -24.24 -8.21
CA ARG C 29 27.13 -24.46 -6.86
C ARG C 29 25.68 -24.93 -6.94
N THR C 30 25.22 -25.64 -5.92
CA THR C 30 23.86 -26.13 -5.93
C THR C 30 22.88 -24.99 -5.67
N LEU C 31 21.60 -25.29 -5.88
CA LEU C 31 20.55 -24.30 -5.68
C LEU C 31 20.46 -23.84 -4.22
N SER C 32 20.95 -24.66 -3.28
CA SER C 32 20.85 -24.30 -1.87
C SER C 32 21.71 -23.09 -1.51
N HIS C 33 22.70 -22.75 -2.33
CA HIS C 33 23.60 -21.63 -2.08
C HIS C 33 23.09 -20.32 -2.61
N PHE C 34 21.91 -20.28 -3.24
CA PHE C 34 21.46 -19.11 -3.97
C PHE C 34 20.26 -18.49 -3.28
N ASN C 35 20.17 -17.16 -3.31
CA ASN C 35 19.06 -16.45 -2.69
C ASN C 35 17.91 -16.39 -3.68
N LYS C 36 16.80 -17.08 -3.36
CA LYS C 36 15.71 -17.21 -4.31
C LYS C 36 15.14 -15.86 -4.76
N GLU C 37 15.17 -14.84 -3.92
CA GLU C 37 14.58 -13.58 -4.36
C GLU C 37 15.52 -12.82 -5.26
N GLU C 38 16.83 -12.99 -5.08
CA GLU C 38 17.79 -12.35 -5.96
C GLU C 38 17.81 -13.04 -7.31
N VAL C 39 17.74 -14.37 -7.28
CA VAL C 39 17.68 -15.17 -8.53
C VAL C 39 16.49 -14.67 -9.36
N LEU C 40 15.31 -14.54 -8.73
CA LEU C 40 14.09 -14.08 -9.45
C LEU C 40 14.32 -12.67 -10.00
N LYS C 41 14.84 -11.75 -9.19
CA LYS C 41 15.15 -10.38 -9.67
C LYS C 41 16.08 -10.48 -10.89
N GLU C 42 17.14 -11.28 -10.78
CA GLU C 42 18.05 -11.46 -11.91
C GLU C 42 17.33 -11.97 -13.17
N ILE C 43 16.51 -13.03 -13.04
CA ILE C 43 15.84 -13.59 -14.22
C ILE C 43 15.01 -12.52 -14.91
N GLU C 44 14.34 -11.67 -14.14
CA GLU C 44 13.52 -10.64 -14.77
C GLU C 44 14.39 -9.68 -15.57
N LEU C 45 15.63 -9.45 -15.11
CA LEU C 45 16.53 -8.60 -15.86
C LEU C 45 16.97 -9.26 -17.17
N ILE C 46 17.27 -10.55 -17.13
CA ILE C 46 17.66 -11.26 -18.35
C ILE C 46 16.53 -11.30 -19.35
N ASN C 47 15.32 -11.59 -18.87
CA ASN C 47 14.12 -11.45 -19.69
C ASN C 47 14.12 -10.11 -20.42
N ASN C 48 14.15 -9.00 -19.65
CA ASN C 48 14.09 -7.68 -20.24
C ASN C 48 15.24 -7.44 -21.18
N TRP C 49 16.42 -7.95 -20.85
CA TRP C 49 17.57 -7.80 -21.74
C TRP C 49 17.32 -8.49 -23.06
N TYR C 50 16.94 -9.78 -23.02
CA TYR C 50 16.78 -10.55 -24.25
C TYR C 50 15.66 -10.00 -25.13
N PHE C 51 14.56 -9.51 -24.54
CA PHE C 51 13.47 -8.95 -25.35
C PHE C 51 13.84 -7.61 -26.01
N SER C 52 15.02 -7.05 -25.76
CA SER C 52 15.45 -5.83 -26.43
C SER C 52 16.55 -6.05 -27.49
N LEU C 53 17.05 -7.26 -27.65
CA LEU C 53 18.02 -7.57 -28.69
C LEU C 53 17.30 -7.91 -29.98
N GLU C 54 17.57 -7.17 -31.06
CA GLU C 54 16.92 -7.57 -32.30
C GLU C 54 17.71 -8.65 -33.04
N ILE C 55 18.96 -8.95 -32.64
CA ILE C 55 19.66 -10.09 -33.25
C ILE C 55 18.89 -11.37 -33.03
N ILE C 56 18.13 -11.49 -31.93
CA ILE C 56 17.41 -12.73 -31.67
C ILE C 56 16.35 -12.99 -32.74
N ASP C 57 15.72 -11.94 -33.25
CA ASP C 57 14.72 -12.13 -34.29
C ASP C 57 15.33 -12.21 -35.68
N ASP C 58 16.54 -11.69 -35.87
CA ASP C 58 17.26 -11.92 -37.12
C ASP C 58 17.54 -13.41 -37.33
N LEU C 59 18.08 -14.07 -36.32
CA LEU C 59 18.54 -15.46 -36.48
C LEU C 59 17.41 -16.35 -36.96
N PRO C 60 17.60 -17.10 -38.07
CA PRO C 60 16.52 -17.95 -38.58
C PRO C 60 16.30 -19.14 -37.66
N LEU C 61 15.72 -18.92 -36.49
CA LEU C 61 15.55 -19.99 -35.53
C LEU C 61 14.34 -19.68 -34.66
N ASP C 62 13.57 -20.71 -34.32
CA ASP C 62 12.58 -20.54 -33.28
C ASP C 62 13.32 -20.30 -31.97
N SER C 63 12.92 -19.27 -31.23
CA SER C 63 13.52 -18.99 -29.95
C SER C 63 12.43 -18.73 -28.93
N ARG C 64 12.81 -18.82 -27.66
CA ARG C 64 11.89 -18.63 -26.56
C ARG C 64 12.70 -18.08 -25.41
N ILE C 65 12.19 -17.02 -24.80
CA ILE C 65 12.80 -16.39 -23.64
C ILE C 65 11.97 -16.80 -22.44
N LYS C 66 12.59 -17.50 -21.49
CA LYS C 66 11.87 -18.14 -20.39
C LYS C 66 11.30 -17.09 -19.42
N SER C 67 10.00 -17.22 -19.12
CA SER C 67 9.34 -16.28 -18.23
C SER C 67 9.86 -16.46 -16.81
N VAL C 68 9.62 -15.44 -15.98
CA VAL C 68 10.01 -15.60 -14.59
C VAL C 68 9.17 -16.66 -13.91
N SER C 69 7.92 -16.84 -14.36
CA SER C 69 7.05 -17.86 -13.77
C SER C 69 7.56 -19.26 -14.02
N SER C 70 8.01 -19.54 -15.26
CA SER C 70 8.56 -20.85 -15.60
C SER C 70 9.88 -21.10 -14.89
N ALA C 71 10.75 -20.09 -14.82
CA ALA C 71 12.00 -20.26 -14.10
C ALA C 71 11.75 -20.51 -12.62
N LYS C 72 10.81 -19.79 -12.02
CA LYS C 72 10.52 -20.02 -10.60
C LYS C 72 10.06 -21.44 -10.37
N MET C 73 9.25 -21.99 -11.27
CA MET C 73 8.77 -23.36 -11.11
C MET C 73 9.92 -24.34 -11.16
N LYS C 74 10.84 -24.19 -12.13
CA LYS C 74 11.99 -25.09 -12.25
C LYS C 74 12.91 -24.99 -11.02
N PHE C 75 13.11 -23.79 -10.48
CA PHE C 75 13.88 -23.63 -9.24
C PHE C 75 13.31 -24.52 -8.14
N GLU C 76 12.01 -24.36 -7.85
CA GLU C 76 11.36 -25.13 -6.78
C GLU C 76 11.32 -26.62 -7.08
N ARG C 77 11.38 -27.02 -8.35
CA ARG C 77 11.37 -28.45 -8.73
C ARG C 77 12.72 -29.10 -8.42
N TYR C 78 13.82 -28.37 -8.58
CA TYR C 78 15.13 -28.97 -8.39
C TYR C 78 15.83 -28.53 -7.11
N TYR C 79 15.24 -27.59 -6.38
CA TYR C 79 15.74 -27.29 -5.05
C TYR C 79 15.82 -28.58 -4.24
N PRO C 80 16.87 -28.77 -3.42
CA PRO C 80 18.00 -27.86 -3.22
C PRO C 80 19.33 -28.33 -3.75
N ASN C 81 19.43 -29.54 -4.27
CA ASN C 81 20.74 -30.12 -4.50
C ASN C 81 21.12 -30.18 -5.98
N ALA C 82 20.41 -29.48 -6.84
CA ALA C 82 20.75 -29.45 -8.24
C ALA C 82 21.74 -28.32 -8.50
N THR C 83 22.66 -28.56 -9.43
CA THR C 83 23.58 -27.51 -9.91
C THR C 83 22.83 -26.36 -10.60
N TYR C 84 23.20 -25.13 -10.26
CA TYR C 84 22.56 -23.98 -10.87
C TYR C 84 22.66 -24.03 -12.39
N ASN C 85 23.89 -24.16 -12.94
CA ASN C 85 24.03 -24.13 -14.39
C ASN C 85 23.39 -25.33 -15.09
N ARG C 86 22.90 -26.30 -14.32
CA ARG C 86 22.12 -27.39 -14.89
C ARG C 86 20.62 -27.16 -14.77
N VAL C 87 20.20 -26.17 -13.99
CA VAL C 87 18.79 -25.88 -13.79
C VAL C 87 18.33 -24.72 -14.68
N PHE C 88 19.00 -23.58 -14.59
CA PHE C 88 18.73 -22.41 -15.41
C PHE C 88 19.52 -22.43 -16.70
N ASN C 89 19.54 -23.57 -17.38
CA ASN C 89 20.30 -23.76 -18.61
C ASN C 89 19.53 -23.40 -19.88
N ASP C 90 18.31 -22.85 -19.75
CA ASP C 90 17.50 -22.60 -20.94
C ASP C 90 16.78 -21.24 -20.89
N ILE C 91 17.34 -20.22 -20.24
CA ILE C 91 16.69 -18.92 -20.22
C ILE C 91 16.44 -18.43 -21.64
N LEU C 92 17.49 -18.36 -22.44
CA LEU C 92 17.33 -18.31 -23.89
C LEU C 92 17.39 -19.74 -24.43
N GLY C 93 16.33 -20.12 -25.15
CA GLY C 93 16.30 -21.40 -25.83
C GLY C 93 15.95 -21.26 -27.30
N PHE C 94 16.72 -21.92 -28.17
CA PHE C 94 16.39 -22.14 -29.57
C PHE C 94 15.92 -23.57 -29.74
N ARG C 95 15.29 -23.84 -30.88
CA ARG C 95 14.83 -25.21 -31.24
C ARG C 95 14.96 -25.34 -32.77
N VAL C 96 15.64 -26.37 -33.27
CA VAL C 96 15.78 -26.54 -34.71
C VAL C 96 15.28 -27.92 -35.05
N ILE C 97 15.04 -28.12 -36.33
CA ILE C 97 14.82 -29.45 -36.87
C ILE C 97 16.04 -29.79 -37.71
N CYS C 98 16.58 -31.01 -37.52
CA CYS C 98 17.74 -31.49 -38.25
C CYS C 98 17.38 -32.77 -39.02
N LYS C 99 18.25 -33.15 -39.96
CA LYS C 99 18.05 -34.39 -40.69
C LYS C 99 18.85 -35.57 -40.13
N SER C 100 20.01 -35.33 -39.51
CA SER C 100 20.79 -36.40 -38.90
C SER C 100 21.20 -36.03 -37.48
N TYR C 101 20.78 -36.84 -36.52
CA TYR C 101 21.31 -36.66 -35.18
C TYR C 101 22.81 -36.90 -35.11
N ASP C 102 23.41 -37.58 -36.10
CA ASP C 102 24.83 -37.89 -35.98
C ASP C 102 25.71 -36.64 -36.01
N GLU C 103 25.32 -35.66 -36.82
CA GLU C 103 26.10 -34.44 -36.95
C GLU C 103 25.96 -33.55 -35.73
N VAL C 104 24.83 -33.64 -35.04
CA VAL C 104 24.65 -32.86 -33.83
C VAL C 104 25.66 -33.30 -32.77
N LEU C 105 25.78 -34.61 -32.55
CA LEU C 105 26.67 -35.16 -31.52
C LEU C 105 28.11 -34.69 -31.67
N GLU C 106 28.50 -34.23 -32.85
CA GLU C 106 29.87 -33.79 -33.06
C GLU C 106 30.18 -32.50 -32.31
N LEU C 107 29.16 -31.78 -31.82
CA LEU C 107 29.38 -30.59 -31.00
C LEU C 107 30.01 -30.88 -29.65
N GLU C 108 30.07 -32.14 -29.21
CA GLU C 108 30.69 -32.45 -27.93
C GLU C 108 32.19 -32.22 -27.94
N LYS C 109 32.78 -32.17 -29.13
CA LYS C 109 34.20 -31.85 -29.26
C LYS C 109 34.49 -30.44 -28.77
N GLU C 110 33.64 -29.48 -29.18
CA GLU C 110 33.72 -28.10 -28.73
C GLU C 110 33.78 -28.01 -27.20
N ASP C 111 34.50 -27.00 -26.70
CA ASP C 111 34.84 -26.95 -25.28
C ASP C 111 33.80 -26.20 -24.44
N LYS C 112 33.20 -25.15 -24.97
CA LYS C 112 32.16 -24.43 -24.27
C LYS C 112 30.75 -25.04 -24.48
N ILE C 113 30.67 -26.32 -24.84
CA ILE C 113 29.43 -26.92 -25.29
C ILE C 113 29.23 -28.27 -24.64
N ARG C 114 28.10 -28.44 -23.98
CA ARG C 114 27.68 -29.67 -23.35
C ARG C 114 26.56 -30.25 -24.20
N VAL C 115 26.57 -31.56 -24.40
CA VAL C 115 25.54 -32.22 -25.21
C VAL C 115 24.77 -33.21 -24.33
N VAL C 116 23.45 -33.16 -24.39
CA VAL C 116 22.61 -34.12 -23.72
C VAL C 116 21.87 -34.92 -24.80
N ASP C 117 22.21 -36.21 -24.93
CA ASP C 117 21.77 -37.03 -26.07
C ASP C 117 20.59 -37.92 -25.66
N MET C 118 19.36 -37.45 -25.89
CA MET C 118 18.15 -38.21 -25.60
C MET C 118 17.59 -38.88 -26.83
N SER C 119 18.42 -39.17 -27.84
CA SER C 119 17.95 -39.59 -29.14
C SER C 119 17.99 -41.11 -29.28
N ARG C 120 17.26 -41.63 -30.27
CA ARG C 120 17.32 -43.08 -30.61
C ARG C 120 17.24 -43.98 -29.36
N GLY C 121 16.16 -43.91 -28.62
CA GLY C 121 16.01 -44.81 -27.51
C GLY C 121 16.30 -44.19 -26.16
N LYS C 122 17.16 -43.18 -26.11
CA LYS C 122 17.50 -42.60 -24.81
C LYS C 122 16.55 -41.49 -24.40
N SER C 123 15.27 -41.60 -24.77
CA SER C 123 14.34 -40.54 -24.41
C SER C 123 14.30 -40.39 -22.90
N ASN C 124 13.95 -39.20 -22.44
CA ASN C 124 14.11 -38.86 -21.03
C ASN C 124 12.89 -39.30 -20.22
N ASP C 125 12.94 -39.00 -18.93
CA ASP C 125 11.94 -39.52 -17.99
C ASP C 125 10.53 -39.11 -18.38
N ASP C 126 10.35 -37.87 -18.81
CA ASP C 126 9.06 -37.46 -19.35
C ASP C 126 8.75 -38.09 -20.70
N GLY C 127 9.70 -38.82 -21.30
CA GLY C 127 9.49 -39.38 -22.62
C GLY C 127 9.74 -38.43 -23.76
N PHE C 128 10.58 -37.41 -23.56
CA PHE C 128 10.93 -36.47 -24.62
C PHE C 128 12.18 -36.93 -25.34
N ARG C 129 12.14 -36.84 -26.67
CA ARG C 129 13.21 -37.21 -27.58
C ARG C 129 13.91 -35.95 -28.08
N GLY C 130 15.12 -36.13 -28.58
CA GLY C 130 15.90 -35.07 -29.18
C GLY C 130 17.30 -35.06 -28.65
N ILE C 131 18.06 -34.05 -29.02
CA ILE C 131 19.39 -33.83 -28.46
C ILE C 131 19.44 -32.36 -28.09
N HIS C 132 19.86 -32.07 -26.86
CA HIS C 132 19.94 -30.69 -26.36
C HIS C 132 21.39 -30.30 -26.13
N VAL C 133 21.80 -29.22 -26.76
CA VAL C 133 23.15 -28.68 -26.70
C VAL C 133 23.08 -27.43 -25.86
N TYR C 134 24.16 -27.13 -25.13
CA TYR C 134 24.21 -26.01 -24.20
C TYR C 134 25.54 -25.29 -24.31
N TYR C 135 25.53 -24.00 -24.66
CA TYR C 135 26.74 -23.18 -24.68
C TYR C 135 26.80 -22.39 -23.38
N GLN C 136 27.96 -22.39 -22.73
CA GLN C 136 28.14 -21.51 -21.59
C GLN C 136 29.57 -20.96 -21.61
N ARG C 137 29.67 -19.63 -21.62
CA ARG C 137 30.98 -18.97 -21.67
C ARG C 137 31.87 -19.40 -20.50
N ASP C 138 31.28 -19.48 -19.31
CA ASP C 138 31.98 -19.73 -18.05
C ASP C 138 30.88 -19.73 -17.00
N ASN C 139 31.26 -19.97 -15.74
CA ASN C 139 30.27 -20.24 -14.72
C ASN C 139 29.75 -18.97 -14.02
N HIS C 140 29.93 -17.82 -14.65
CA HIS C 140 29.30 -16.58 -14.22
C HIS C 140 28.27 -16.06 -15.23
N HIS C 141 28.06 -16.78 -16.34
CA HIS C 141 27.21 -16.39 -17.46
C HIS C 141 26.15 -17.46 -17.63
N TYR C 142 24.99 -17.08 -18.11
CA TYR C 142 23.93 -18.08 -18.19
C TYR C 142 24.08 -18.94 -19.44
N PRO C 143 23.84 -20.23 -19.33
CA PRO C 143 23.85 -21.08 -20.52
C PRO C 143 22.73 -20.71 -21.48
N ILE C 144 23.02 -20.92 -22.77
CA ILE C 144 22.07 -20.83 -23.87
C ILE C 144 21.77 -22.24 -24.34
N GLU C 145 20.51 -22.52 -24.73
CA GLU C 145 20.04 -23.87 -25.05
C GLU C 145 19.62 -23.96 -26.52
N ILE C 146 20.02 -25.03 -27.19
CA ILE C 146 19.53 -25.35 -28.53
C ILE C 146 18.98 -26.75 -28.52
N GLN C 147 17.69 -26.90 -28.79
CA GLN C 147 17.11 -28.22 -28.86
C GLN C 147 17.16 -28.66 -30.31
N PHE C 148 17.80 -29.81 -30.56
CA PHE C 148 17.86 -30.39 -31.89
C PHE C 148 16.87 -31.53 -31.97
N ASN C 149 16.08 -31.54 -33.05
CA ASN C 149 14.98 -32.48 -33.27
C ASN C 149 15.04 -32.97 -34.70
N THR C 150 14.84 -34.26 -34.89
CA THR C 150 14.48 -34.67 -36.23
C THR C 150 13.03 -34.34 -36.49
N TYR C 151 12.64 -34.37 -37.76
CA TYR C 151 11.26 -34.08 -38.12
C TYR C 151 10.28 -34.87 -37.27
N TYR C 152 10.43 -36.21 -37.25
CA TYR C 152 9.45 -37.06 -36.57
C TYR C 152 9.48 -36.86 -35.05
N ASP C 153 10.67 -36.80 -34.48
CA ASP C 153 10.79 -36.55 -33.05
C ASP C 153 10.11 -35.26 -32.65
N ARG C 154 10.06 -34.28 -33.56
CA ARG C 154 9.38 -32.99 -33.26
C ARG C 154 7.88 -33.24 -33.12
N GLN C 155 7.26 -33.83 -34.14
CA GLN C 155 5.85 -34.17 -34.05
C GLN C 155 5.57 -35.02 -32.82
N LEU C 156 6.47 -35.97 -32.51
CA LEU C 156 6.29 -36.81 -31.33
C LEU C 156 6.36 -36.00 -30.05
N ASN C 157 7.15 -34.93 -30.05
CA ASN C 157 7.29 -34.08 -28.88
C ASN C 157 6.10 -33.15 -28.73
N ASP C 158 5.63 -32.60 -29.86
CA ASP C 158 4.48 -31.69 -29.82
C ASP C 158 3.23 -32.43 -29.36
N TRP C 159 3.00 -33.62 -29.90
CA TRP C 159 1.96 -34.49 -29.38
C TRP C 159 2.10 -34.68 -27.88
N LEU C 160 3.32 -34.92 -27.39
CA LEU C 160 3.50 -35.16 -25.96
C LEU C 160 3.29 -33.89 -25.13
N HIS C 161 3.52 -32.71 -25.73
CA HIS C 161 3.43 -31.46 -24.95
C HIS C 161 2.03 -31.23 -24.39
N ASP C 162 0.99 -31.61 -25.15
CA ASP C 162 -0.38 -31.69 -24.62
C ASP C 162 -0.66 -33.16 -24.31
N LYS C 163 -0.34 -33.54 -23.07
CA LYS C 163 -0.25 -34.93 -22.59
C LYS C 163 -1.29 -35.89 -23.18
PG DOU D . -10.24 -13.13 1.94
O1G DOU D . -11.49 -13.33 2.73
O2G DOU D . -9.45 -14.44 1.84
O3G DOU D . -9.28 -11.96 2.41
PB DOU D . -11.54 -11.44 0.28
O1B DOU D . -10.90 -10.31 1.06
O2B DOU D . -11.63 -11.09 -1.24
O3B DOU D . -10.60 -12.76 0.40
PA DOU D . -14.29 -10.33 1.08
O1A DOU D . -15.75 -10.71 1.31
O2A DOU D . -13.89 -9.41 2.27
C3A DOU D . -13.22 -11.81 0.92
O5' DOU D . -14.02 -9.41 -0.18
C5' DOU D . -15.28 -9.04 -0.80
C4' DOU D . -14.92 -8.43 -2.14
O4' DOU D . -14.45 -7.07 -1.94
C3' DOU D . -13.78 -9.13 -2.86
O3' DOU D . -14.20 -10.32 -3.53
C2' DOU D . -13.26 -8.02 -3.77
O2' DOU D . -14.11 -7.87 -4.91
C1' DOU D . -13.38 -6.80 -2.84
N9 DOU D . -12.16 -6.50 -2.06
C8 DOU D . -11.44 -7.40 -1.31
N7 DOU D . -10.38 -6.88 -0.74
C5 DOU D . -10.38 -5.56 -1.13
C6 DOU D . -9.55 -4.47 -0.87
N6 DOU D . -8.45 -4.54 -0.09
N1 DOU D . -9.84 -3.27 -1.42
C2 DOU D . -10.93 -3.18 -2.21
N3 DOU D . -11.80 -4.14 -2.53
C4 DOU D . -11.49 -5.31 -1.97
MG MG E . -9.03 -9.73 1.48
PG DOU F . -10.96 24.52 10.68
O1G DOU F . -11.88 23.38 10.35
O2G DOU F . -9.49 24.07 10.64
O3G DOU F . -11.23 25.24 12.05
PB DOU F . -12.52 26.39 9.50
O1B DOU F . -12.99 26.70 10.91
O2B DOU F . -12.36 27.69 8.65
O3B DOU F . -11.05 25.70 9.57
PA DOU F . -15.33 26.05 8.49
O1A DOU F . -16.12 26.19 9.77
O2A DOU F . -16.18 25.16 7.51
C3A DOU F . -13.70 25.25 8.74
O5' DOU F . -15.10 27.46 7.81
C5' DOU F . -16.36 28.08 7.45
C4' DOU F . -16.12 29.47 6.92
O4' DOU F . -16.06 30.41 8.02
C3' DOU F . -14.83 29.67 6.12
O3' DOU F . -14.98 30.61 5.06
C2' DOU F . -13.86 30.17 7.20
O2' DOU F . -12.76 30.90 6.66
C1' DOU F . -14.78 31.03 8.07
N9 DOU F . -14.37 31.13 9.47
C8 DOU F . -13.60 30.24 10.19
N7 DOU F . -13.35 30.60 11.41
C5 DOU F . -14.00 31.85 11.52
C6 DOU F . -14.11 32.75 12.59
N6 DOU F . -13.56 32.58 13.80
N1 DOU F . -14.83 33.88 12.36
C2 DOU F . -15.37 34.07 11.17
N3 DOU F . -15.33 33.28 10.09
C4 DOU F . -14.62 32.17 10.34
MG MG G . -11.38 27.61 12.58
PG DOU H . 11.57 -26.85 -18.56
O1G DOU H . 12.96 -26.51 -19.05
O2G DOU H . 10.90 -25.78 -17.66
O3G DOU H . 11.49 -28.17 -17.78
PB DOU H . 10.34 -25.73 -20.64
O1B DOU H . 11.63 -24.92 -20.78
O2B DOU H . 9.79 -26.16 -22.02
O3B DOU H . 10.55 -27.07 -19.79
PA DOU H . 8.70 -23.22 -20.68
O1A DOU H . 7.44 -22.63 -20.10
O2A DOU H . 9.90 -22.22 -20.68
C3A DOU H . 9.13 -24.71 -19.76
O5' DOU H . 8.52 -23.49 -22.24
C5' DOU H . 7.47 -22.64 -22.78
C4' DOU H . 7.22 -23.01 -24.24
O4' DOU H . 8.43 -22.81 -25.01
C3' DOU H . 6.77 -24.43 -24.51
O3' DOU H . 5.83 -24.48 -25.59
C2' DOU H . 8.06 -25.14 -24.91
O2' DOU H . 7.85 -26.23 -25.80
C1' DOU H . 8.79 -24.02 -25.66
N9 DOU H . 10.24 -24.16 -25.62
C8 DOU H . 11.00 -24.70 -24.62
N7 DOU H . 12.29 -24.70 -24.86
C5 DOU H . 12.38 -24.11 -26.12
C6 DOU H . 13.47 -23.80 -26.95
N6 DOU H . 14.74 -24.07 -26.64
N1 DOU H . 13.21 -23.22 -28.14
C2 DOU H . 11.94 -22.96 -28.48
N3 DOU H . 10.83 -23.19 -27.77
C4 DOU H . 11.12 -23.78 -26.60
MG MG I . 13.76 -26.00 -21.63
#